data_1NGH
#
_entry.id   1NGH
#
_cell.length_a   145.300
_cell.length_b   65.000
_cell.length_c   46.900
_cell.angle_alpha   90.00
_cell.angle_beta   90.00
_cell.angle_gamma   90.00
#
_symmetry.space_group_name_H-M   'P 21 21 21'
#
loop_
_entity.id
_entity.type
_entity.pdbx_description
1 polymer 'HEAT-SHOCK COGNATE 70 kD PROTEIN'
2 non-polymer "ADENOSINE-5'-TRIPHOSPHATE"
3 water water
#
_entity_poly.entity_id   1
_entity_poly.type   'polypeptide(L)'
_entity_poly.pdbx_seq_one_letter_code
;MSKGPAVGINLGTTYSCVGVFQHGKVEIIANDQGNRTTPSYVAFTDTERLIGDAAKNQVAMNPTNTVFDAKRLIGRRFDD
AVVQSDMKHWPFMVVNDAGRPKVQVEYKGETKSFYPEEVSSMVLTKMKEIAEAYLGKTVTNAVVTVPAYFNDSQRQATKD
AGTIAGLNVLRIINEPTAAAIAYGLDKKVGAERNVLIFDLGGGTFDVSILTIEDGIFEVKSTAGDTHLGGEDFDNRMVNH
FIAEFKRKHKKDISENKRAVRRLRTACERAKRTLSSSTQASIEIDSLYEGIDFYTSITRARFEELNADLFRGTLDPVEKA
LRDAKLDKSQIHDIVLVGGSTRIPKIQKLLQDFFNGKELNKSINPDEAVAYGAAVQAAILSGDKSE
;
_entity_poly.pdbx_strand_id   A
#
loop_
_chem_comp.id
_chem_comp.type
_chem_comp.name
_chem_comp.formula
ATP non-polymer ADENOSINE-5'-TRIPHOSPHATE 'C10 H16 N5 O13 P3'
#
# COMPACT_ATOMS: atom_id res chain seq x y z
N GLY A 4 23.59 -15.16 -5.02
CA GLY A 4 22.70 -14.10 -5.58
C GLY A 4 22.58 -12.95 -4.59
N PRO A 5 22.26 -11.75 -5.08
CA PRO A 5 22.10 -10.56 -4.24
C PRO A 5 20.92 -10.67 -3.29
N ALA A 6 20.98 -9.92 -2.20
CA ALA A 6 19.89 -9.88 -1.23
C ALA A 6 18.96 -8.81 -1.78
N VAL A 7 17.66 -8.98 -1.59
CA VAL A 7 16.72 -7.99 -2.10
C VAL A 7 15.97 -7.27 -0.98
N GLY A 8 15.38 -6.12 -1.33
CA GLY A 8 14.62 -5.36 -0.36
C GLY A 8 13.17 -5.42 -0.78
N ILE A 9 12.29 -5.77 0.15
CA ILE A 9 10.87 -5.89 -0.16
C ILE A 9 9.93 -5.09 0.73
N ASN A 10 9.03 -4.38 0.07
CA ASN A 10 8.00 -3.59 0.72
C ASN A 10 6.73 -4.45 0.58
N LEU A 11 6.25 -4.96 1.70
CA LEU A 11 5.06 -5.80 1.75
C LEU A 11 3.93 -4.88 2.21
N GLY A 12 3.20 -4.28 1.27
CA GLY A 12 2.15 -3.35 1.65
C GLY A 12 0.76 -3.90 1.76
N THR A 13 -0.15 -3.09 2.29
CA THR A 13 -1.54 -3.51 2.46
C THR A 13 -2.25 -3.74 1.12
N THR A 14 -1.99 -2.87 0.14
CA THR A 14 -2.62 -2.96 -1.18
C THR A 14 -1.66 -3.37 -2.31
N TYR A 15 -0.41 -2.93 -2.21
CA TYR A 15 0.62 -3.26 -3.20
C TYR A 15 1.94 -3.62 -2.53
N SER A 16 2.74 -4.39 -3.24
CA SER A 16 4.05 -4.81 -2.75
C SER A 16 5.07 -4.42 -3.84
N CYS A 17 6.32 -4.20 -3.43
CA CYS A 17 7.36 -3.76 -4.35
C CYS A 17 8.68 -4.39 -3.98
N VAL A 18 9.48 -4.73 -4.97
CA VAL A 18 10.78 -5.34 -4.71
C VAL A 18 11.92 -4.62 -5.45
N GLY A 19 12.96 -4.29 -4.69
CA GLY A 19 14.11 -3.60 -5.26
C GLY A 19 15.39 -4.34 -4.94
N VAL A 20 16.44 -4.07 -5.69
CA VAL A 20 17.73 -4.71 -5.51
C VAL A 20 18.86 -3.70 -5.71
N PHE A 21 19.82 -3.70 -4.79
CA PHE A 21 20.95 -2.81 -4.89
C PHE A 21 22.05 -3.55 -5.65
N GLN A 22 22.48 -2.98 -6.75
CA GLN A 22 23.52 -3.60 -7.56
C GLN A 22 24.31 -2.53 -8.30
N HIS A 23 25.62 -2.52 -8.10
CA HIS A 23 26.52 -1.55 -8.73
C HIS A 23 26.29 -0.13 -8.24
N GLY A 24 26.10 0.04 -6.94
CA GLY A 24 25.87 1.36 -6.38
C GLY A 24 24.49 1.94 -6.66
N LYS A 25 23.75 1.32 -7.57
CA LYS A 25 22.42 1.78 -7.95
C LYS A 25 21.37 0.80 -7.45
N VAL A 26 20.18 1.32 -7.14
CA VAL A 26 19.06 0.50 -6.69
C VAL A 26 18.12 0.35 -7.88
N GLU A 27 17.72 -0.88 -8.16
CA GLU A 27 16.82 -1.15 -9.27
C GLU A 27 15.48 -1.60 -8.70
N ILE A 28 14.39 -0.98 -9.16
CA ILE A 28 13.06 -1.40 -8.70
C ILE A 28 12.59 -2.32 -9.82
N ILE A 29 12.43 -3.59 -9.47
CA ILE A 29 12.04 -4.64 -10.41
C ILE A 29 10.55 -4.71 -10.77
N ALA A 30 10.27 -4.61 -12.06
CA ALA A 30 8.90 -4.68 -12.57
C ALA A 30 8.48 -6.14 -12.78
N ASN A 31 7.18 -6.38 -12.77
CA ASN A 31 6.66 -7.73 -12.96
C ASN A 31 6.39 -8.07 -14.42
N ASP A 32 5.78 -9.24 -14.63
CA ASP A 32 5.43 -9.76 -15.96
C ASP A 32 4.62 -8.75 -16.75
N GLN A 33 3.66 -8.10 -16.10
CA GLN A 33 2.82 -7.11 -16.76
C GLN A 33 3.52 -5.76 -16.92
N GLY A 34 4.77 -5.70 -16.47
CA GLY A 34 5.54 -4.47 -16.58
C GLY A 34 5.34 -3.43 -15.50
N ASN A 35 4.52 -3.74 -14.48
CA ASN A 35 4.26 -2.81 -13.39
C ASN A 35 5.38 -2.87 -12.36
N ARG A 36 5.70 -1.73 -11.74
CA ARG A 36 6.78 -1.69 -10.74
C ARG A 36 6.32 -2.03 -9.34
N THR A 37 5.02 -2.21 -9.18
CA THR A 37 4.44 -2.62 -7.91
C THR A 37 3.35 -3.64 -8.30
N THR A 38 3.09 -4.62 -7.44
CA THR A 38 2.06 -5.59 -7.75
C THR A 38 1.07 -5.67 -6.60
N PRO A 39 -0.22 -5.81 -6.91
CA PRO A 39 -1.26 -5.90 -5.87
C PRO A 39 -1.01 -7.04 -4.90
N SER A 40 -1.30 -6.80 -3.63
CA SER A 40 -1.13 -7.79 -2.57
C SER A 40 -2.41 -8.65 -2.54
N TYR A 41 -2.73 -9.22 -3.69
CA TYR A 41 -3.92 -10.05 -3.87
C TYR A 41 -3.60 -11.49 -4.22
N VAL A 42 -4.40 -12.40 -3.67
CA VAL A 42 -4.27 -13.83 -3.93
C VAL A 42 -5.68 -14.33 -4.22
N ALA A 43 -5.85 -15.07 -5.30
CA ALA A 43 -7.17 -15.59 -5.68
C ALA A 43 -7.12 -17.09 -5.93
N PHE A 44 -8.17 -17.79 -5.51
CA PHE A 44 -8.26 -19.24 -5.67
C PHE A 44 -9.46 -19.58 -6.55
N THR A 45 -9.26 -20.49 -7.51
CA THR A 45 -10.34 -20.89 -8.42
C THR A 45 -10.43 -22.42 -8.53
N ASP A 46 -11.28 -22.88 -9.45
CA ASP A 46 -11.45 -24.31 -9.69
C ASP A 46 -10.17 -24.90 -10.24
N THR A 47 -9.50 -24.17 -11.12
CA THR A 47 -8.27 -24.67 -11.74
C THR A 47 -6.95 -24.14 -11.23
N GLU A 48 -6.94 -22.96 -10.61
CA GLU A 48 -5.68 -22.38 -10.17
C GLU A 48 -5.68 -21.42 -9.01
N ARG A 49 -4.47 -20.99 -8.68
CA ARG A 49 -4.17 -20.04 -7.61
C ARG A 49 -3.48 -18.88 -8.34
N LEU A 50 -4.13 -17.71 -8.33
CA LEU A 50 -3.58 -16.52 -8.99
C LEU A 50 -3.00 -15.59 -7.94
N ILE A 51 -1.89 -14.94 -8.26
CA ILE A 51 -1.28 -14.00 -7.33
C ILE A 51 -0.89 -12.71 -8.07
N GLY A 52 -1.11 -11.56 -7.42
CA GLY A 52 -0.75 -10.30 -8.03
C GLY A 52 -1.79 -9.70 -8.96
N ASP A 53 -1.34 -9.17 -10.10
CA ASP A 53 -2.25 -8.56 -11.08
C ASP A 53 -3.33 -9.51 -11.54
N ALA A 54 -2.92 -10.73 -11.89
CA ALA A 54 -3.84 -11.77 -12.35
C ALA A 54 -4.96 -11.98 -11.33
N ALA A 55 -4.64 -11.83 -10.05
CA ALA A 55 -5.64 -12.00 -9.00
C ALA A 55 -6.59 -10.80 -8.96
N LYS A 56 -6.03 -9.61 -8.91
CA LYS A 56 -6.86 -8.40 -8.83
C LYS A 56 -7.71 -8.20 -10.07
N ASN A 57 -7.20 -8.66 -11.21
CA ASN A 57 -7.93 -8.53 -12.48
C ASN A 57 -9.17 -9.41 -12.60
N GLN A 58 -9.54 -10.13 -11.55
CA GLN A 58 -10.74 -10.97 -11.59
C GLN A 58 -11.57 -10.94 -10.30
N VAL A 59 -11.24 -10.02 -9.40
CA VAL A 59 -11.94 -9.89 -8.13
C VAL A 59 -13.46 -9.78 -8.24
N ALA A 60 -13.94 -8.99 -9.18
CA ALA A 60 -15.39 -8.78 -9.38
C ALA A 60 -16.09 -10.07 -9.83
N MET A 61 -15.32 -11.01 -10.33
CA MET A 61 -15.85 -12.27 -10.80
C MET A 61 -15.76 -13.31 -9.70
N ASN A 62 -14.68 -13.25 -8.91
CA ASN A 62 -14.45 -14.20 -7.83
C ASN A 62 -14.24 -13.52 -6.48
N PRO A 63 -15.24 -12.74 -6.02
CA PRO A 63 -15.17 -12.02 -4.74
C PRO A 63 -14.94 -12.79 -3.45
N THR A 64 -15.61 -13.92 -3.30
CA THR A 64 -15.48 -14.70 -2.08
C THR A 64 -14.18 -15.50 -2.00
N ASN A 65 -13.56 -15.73 -3.15
CA ASN A 65 -12.31 -16.50 -3.18
C ASN A 65 -11.07 -15.66 -3.46
N THR A 66 -11.24 -14.33 -3.45
CA THR A 66 -10.13 -13.41 -3.68
C THR A 66 -9.78 -12.73 -2.34
N VAL A 67 -8.59 -13.05 -1.84
CA VAL A 67 -8.09 -12.55 -0.57
C VAL A 67 -7.16 -11.34 -0.70
N PHE A 68 -7.32 -10.39 0.22
CA PHE A 68 -6.51 -9.18 0.27
C PHE A 68 -6.53 -8.68 1.72
N ASP A 69 -5.86 -7.57 2.01
CA ASP A 69 -5.81 -7.02 3.37
C ASP A 69 -5.23 -7.96 4.41
N ALA A 70 -4.44 -8.93 3.98
CA ALA A 70 -3.83 -9.89 4.91
C ALA A 70 -2.91 -9.19 5.91
N LYS A 71 -2.40 -8.02 5.53
CA LYS A 71 -1.53 -7.25 6.41
C LYS A 71 -2.29 -6.80 7.66
N ARG A 72 -3.61 -6.63 7.53
CA ARG A 72 -4.43 -6.22 8.68
C ARG A 72 -4.62 -7.38 9.66
N LEU A 73 -4.53 -8.62 9.17
CA LEU A 73 -4.70 -9.80 10.03
C LEU A 73 -3.43 -10.30 10.69
N ILE A 74 -2.36 -10.37 9.88
CA ILE A 74 -1.05 -10.87 10.29
C ILE A 74 -0.64 -10.59 11.74
N GLY A 75 -0.18 -11.64 12.43
CA GLY A 75 0.25 -11.54 13.82
C GLY A 75 -0.82 -11.16 14.83
N ARG A 76 -2.06 -11.11 14.41
CA ARG A 76 -3.15 -10.72 15.29
C ARG A 76 -4.03 -11.90 15.72
N ARG A 77 -4.89 -11.67 16.71
CA ARG A 77 -5.79 -12.71 17.21
C ARG A 77 -7.22 -12.49 16.75
N PHE A 78 -7.99 -13.56 16.68
CA PHE A 78 -9.38 -13.48 16.25
C PHE A 78 -10.20 -12.58 17.18
N ASP A 79 -9.99 -12.73 18.48
CA ASP A 79 -10.70 -11.95 19.49
C ASP A 79 -10.40 -10.45 19.43
N ASP A 80 -9.39 -10.08 18.65
CA ASP A 80 -8.97 -8.69 18.49
C ASP A 80 -10.09 -7.81 17.93
N ALA A 81 -10.40 -6.75 18.65
CA ALA A 81 -11.44 -5.80 18.23
C ALA A 81 -11.20 -5.30 16.83
N VAL A 82 -9.93 -5.21 16.43
CA VAL A 82 -9.56 -4.75 15.10
C VAL A 82 -10.14 -5.73 14.09
N VAL A 83 -9.79 -7.02 14.27
CA VAL A 83 -10.24 -8.09 13.41
C VAL A 83 -11.75 -8.13 13.32
N GLN A 84 -12.40 -8.06 14.47
CA GLN A 84 -13.87 -8.08 14.52
C GLN A 84 -14.53 -6.96 13.71
N SER A 85 -13.94 -5.78 13.74
CA SER A 85 -14.48 -4.64 12.99
C SER A 85 -14.21 -4.81 11.51
N ASP A 86 -12.97 -5.14 11.19
CA ASP A 86 -12.52 -5.30 9.81
C ASP A 86 -13.29 -6.36 9.01
N MET A 87 -13.42 -7.56 9.58
CA MET A 87 -14.11 -8.65 8.88
C MET A 87 -15.53 -8.36 8.40
N LYS A 88 -16.15 -7.31 8.92
CA LYS A 88 -17.50 -6.93 8.51
C LYS A 88 -17.48 -6.35 7.10
N HIS A 89 -16.29 -6.19 6.53
CA HIS A 89 -16.17 -5.59 5.19
C HIS A 89 -15.50 -6.48 4.16
N TRP A 90 -14.94 -7.60 4.59
CA TRP A 90 -14.27 -8.49 3.65
C TRP A 90 -15.26 -9.48 3.02
N PRO A 91 -15.20 -9.64 1.68
CA PRO A 91 -16.10 -10.56 0.97
C PRO A 91 -15.68 -12.03 1.14
N PHE A 92 -14.56 -12.26 1.81
CA PHE A 92 -14.07 -13.60 2.06
C PHE A 92 -14.30 -13.95 3.53
N MET A 93 -14.24 -15.24 3.85
CA MET A 93 -14.48 -15.71 5.21
C MET A 93 -13.27 -15.73 6.13
N VAL A 94 -13.48 -15.28 7.35
CA VAL A 94 -12.44 -15.27 8.37
C VAL A 94 -12.99 -16.13 9.51
N VAL A 95 -12.34 -17.26 9.75
CA VAL A 95 -12.76 -18.18 10.80
C VAL A 95 -11.79 -18.14 11.97
N ASN A 96 -12.19 -18.77 13.07
CA ASN A 96 -11.37 -18.81 14.29
C ASN A 96 -10.82 -20.20 14.55
N ASP A 97 -9.50 -20.33 14.46
CA ASP A 97 -8.84 -21.60 14.71
C ASP A 97 -8.03 -21.50 16.00
N ALA A 98 -8.67 -21.86 17.10
CA ALA A 98 -8.02 -21.84 18.41
C ALA A 98 -7.44 -20.47 18.77
N GLY A 99 -8.19 -19.41 18.45
CA GLY A 99 -7.74 -18.06 18.74
C GLY A 99 -7.12 -17.33 17.56
N ARG A 100 -6.51 -18.08 16.65
CA ARG A 100 -5.88 -17.50 15.48
C ARG A 100 -6.92 -17.33 14.38
N PRO A 101 -6.87 -16.20 13.66
CA PRO A 101 -7.83 -15.97 12.57
C PRO A 101 -7.34 -16.71 11.32
N LYS A 102 -8.26 -17.18 10.49
CA LYS A 102 -7.89 -17.89 9.28
C LYS A 102 -8.82 -17.51 8.14
N VAL A 103 -8.24 -17.29 6.97
CA VAL A 103 -9.02 -16.93 5.80
C VAL A 103 -9.52 -18.26 5.24
N GLN A 104 -10.77 -18.29 4.81
CA GLN A 104 -11.35 -19.53 4.29
C GLN A 104 -11.83 -19.38 2.86
N VAL A 105 -11.22 -20.14 1.96
CA VAL A 105 -11.57 -20.10 0.55
C VAL A 105 -11.91 -21.46 -0.03
N GLU A 106 -12.46 -21.45 -1.23
CA GLU A 106 -12.82 -22.68 -1.92
C GLU A 106 -11.83 -22.78 -3.07
N TYR A 107 -10.95 -23.77 -3.02
CA TYR A 107 -9.95 -23.98 -4.07
C TYR A 107 -10.18 -25.35 -4.70
N LYS A 108 -10.40 -25.37 -6.01
CA LYS A 108 -10.65 -26.61 -6.74
C LYS A 108 -11.80 -27.40 -6.11
N GLY A 109 -12.92 -26.73 -5.85
CA GLY A 109 -14.05 -27.39 -5.25
C GLY A 109 -13.90 -27.76 -3.79
N GLU A 110 -12.66 -27.85 -3.31
CA GLU A 110 -12.40 -28.20 -1.92
C GLU A 110 -12.25 -26.97 -1.05
N THR A 111 -12.82 -27.02 0.15
CA THR A 111 -12.73 -25.91 1.09
C THR A 111 -11.40 -25.93 1.82
N LYS A 112 -10.68 -24.80 1.76
CA LYS A 112 -9.39 -24.67 2.43
C LYS A 112 -9.30 -23.36 3.20
N SER A 113 -8.42 -23.32 4.20
CA SER A 113 -8.25 -22.14 5.01
C SER A 113 -6.75 -21.93 5.21
N PHE A 114 -6.34 -20.67 5.29
CA PHE A 114 -4.93 -20.34 5.46
C PHE A 114 -4.73 -19.35 6.58
N TYR A 115 -3.54 -19.35 7.16
CA TYR A 115 -3.19 -18.39 8.20
C TYR A 115 -2.68 -17.16 7.46
N PRO A 116 -2.92 -15.95 7.99
CA PRO A 116 -2.49 -14.71 7.36
C PRO A 116 -1.05 -14.75 6.82
N GLU A 117 -0.15 -15.40 7.54
CA GLU A 117 1.23 -15.53 7.14
C GLU A 117 1.43 -16.36 5.87
N GLU A 118 0.54 -17.31 5.64
CA GLU A 118 0.62 -18.14 4.45
C GLU A 118 0.18 -17.32 3.23
N VAL A 119 -0.86 -16.53 3.40
CA VAL A 119 -1.33 -15.69 2.30
C VAL A 119 -0.19 -14.74 1.91
N SER A 120 0.35 -14.04 2.91
CA SER A 120 1.44 -13.12 2.68
C SER A 120 2.66 -13.79 2.04
N SER A 121 2.91 -15.05 2.39
CA SER A 121 4.04 -15.75 1.80
C SER A 121 3.81 -15.98 0.31
N MET A 122 2.54 -16.08 -0.09
CA MET A 122 2.21 -16.26 -1.49
C MET A 122 2.60 -14.99 -2.24
N VAL A 123 2.27 -13.82 -1.69
CA VAL A 123 2.64 -12.55 -2.33
C VAL A 123 4.17 -12.42 -2.31
N LEU A 124 4.77 -12.80 -1.20
CA LEU A 124 6.22 -12.74 -1.05
C LEU A 124 6.92 -13.61 -2.08
N THR A 125 6.34 -14.79 -2.35
CA THR A 125 6.90 -15.71 -3.34
C THR A 125 6.85 -15.11 -4.74
N LYS A 126 5.77 -14.39 -5.04
CA LYS A 126 5.60 -13.73 -6.33
C LYS A 126 6.69 -12.67 -6.49
N MET A 127 7.00 -11.94 -5.42
CA MET A 127 8.03 -10.91 -5.49
C MET A 127 9.41 -11.53 -5.74
N LYS A 128 9.67 -12.64 -5.05
CA LYS A 128 10.92 -13.37 -5.18
C LYS A 128 11.15 -13.87 -6.61
N GLU A 129 10.12 -14.43 -7.24
CA GLU A 129 10.28 -14.93 -8.61
C GLU A 129 10.39 -13.77 -9.59
N ILE A 130 9.73 -12.66 -9.27
CA ILE A 130 9.82 -11.47 -10.11
C ILE A 130 11.29 -11.04 -10.09
N ALA A 131 11.86 -11.00 -8.89
CA ALA A 131 13.26 -10.63 -8.72
C ALA A 131 14.17 -11.60 -9.47
N GLU A 132 14.00 -12.89 -9.21
CA GLU A 132 14.80 -13.95 -9.85
C GLU A 132 14.74 -13.91 -11.38
N ALA A 133 13.56 -13.61 -11.92
CA ALA A 133 13.37 -13.52 -13.36
C ALA A 133 14.24 -12.41 -13.91
N TYR A 134 14.35 -11.33 -13.15
CA TYR A 134 15.15 -10.18 -13.54
C TYR A 134 16.63 -10.50 -13.34
N LEU A 135 16.98 -10.82 -12.10
CA LEU A 135 18.36 -11.13 -11.74
C LEU A 135 18.94 -12.33 -12.48
N GLY A 136 18.07 -13.20 -12.97
CA GLY A 136 18.53 -14.39 -13.67
C GLY A 136 19.28 -15.30 -12.72
N LYS A 137 18.88 -15.29 -11.46
CA LYS A 137 19.51 -16.12 -10.43
C LYS A 137 18.60 -16.19 -9.21
N THR A 138 18.76 -17.23 -8.42
CA THR A 138 17.97 -17.43 -7.21
C THR A 138 18.22 -16.37 -6.15
N VAL A 139 17.13 -15.93 -5.52
CA VAL A 139 17.16 -14.93 -4.48
C VAL A 139 16.88 -15.66 -3.16
N THR A 140 17.81 -15.57 -2.21
CA THR A 140 17.66 -16.21 -0.92
C THR A 140 17.46 -15.18 0.20
N ASN A 141 18.47 -14.36 0.42
CA ASN A 141 18.44 -13.34 1.46
C ASN A 141 17.57 -12.14 1.11
N ALA A 142 16.87 -11.62 2.12
CA ALA A 142 15.98 -10.47 1.91
C ALA A 142 15.75 -9.66 3.18
N VAL A 143 15.36 -8.41 2.98
CA VAL A 143 15.02 -7.51 4.08
C VAL A 143 13.58 -7.10 3.75
N VAL A 144 12.67 -7.38 4.68
CA VAL A 144 11.27 -7.07 4.49
C VAL A 144 10.93 -5.96 5.45
N THR A 145 10.00 -5.10 5.05
CA THR A 145 9.61 -3.96 5.85
C THR A 145 8.29 -4.14 6.60
N VAL A 146 8.12 -3.35 7.66
CA VAL A 146 6.93 -3.44 8.49
C VAL A 146 6.70 -2.07 9.16
N PRO A 147 5.43 -1.72 9.44
CA PRO A 147 5.20 -0.42 10.09
C PRO A 147 5.94 -0.32 11.44
N ALA A 148 6.13 0.90 11.91
CA ALA A 148 6.83 1.12 13.18
C ALA A 148 6.03 0.63 14.38
N TYR A 149 4.70 0.68 14.27
CA TYR A 149 3.82 0.26 15.35
C TYR A 149 3.54 -1.25 15.49
N PHE A 150 4.13 -2.05 14.61
CA PHE A 150 3.93 -3.50 14.68
C PHE A 150 4.66 -4.06 15.89
N ASN A 151 3.92 -4.81 16.71
CA ASN A 151 4.48 -5.45 17.91
C ASN A 151 5.26 -6.71 17.52
N ASP A 152 5.81 -7.40 18.52
CA ASP A 152 6.58 -8.61 18.29
C ASP A 152 5.83 -9.73 17.57
N SER A 153 4.54 -9.84 17.82
CA SER A 153 3.72 -10.87 17.17
C SER A 153 3.64 -10.61 15.68
N GLN A 154 3.27 -9.39 15.32
CA GLN A 154 3.14 -8.98 13.94
C GLN A 154 4.47 -9.11 13.19
N ARG A 155 5.56 -8.71 13.84
CA ARG A 155 6.89 -8.80 13.24
C ARG A 155 7.27 -10.26 13.07
N GLN A 156 6.91 -11.08 14.06
CA GLN A 156 7.18 -12.51 14.02
C GLN A 156 6.51 -13.11 12.79
N ALA A 157 5.19 -12.90 12.70
CA ALA A 157 4.38 -13.40 11.61
C ALA A 157 4.92 -12.98 10.25
N THR A 158 5.41 -11.75 10.17
CA THR A 158 5.97 -11.24 8.91
C THR A 158 7.25 -12.02 8.59
N LYS A 159 8.06 -12.28 9.61
CA LYS A 159 9.29 -13.03 9.42
C LYS A 159 8.95 -14.45 8.96
N ASP A 160 7.94 -15.05 9.59
CA ASP A 160 7.47 -16.39 9.26
C ASP A 160 7.00 -16.45 7.82
N ALA A 161 6.19 -15.47 7.41
CA ALA A 161 5.71 -15.41 6.03
C ALA A 161 6.91 -15.46 5.09
N GLY A 162 8.01 -14.85 5.54
CA GLY A 162 9.22 -14.82 4.75
C GLY A 162 9.87 -16.19 4.66
N THR A 163 10.00 -16.87 5.78
CA THR A 163 10.62 -18.18 5.81
C THR A 163 9.85 -19.22 5.00
N ILE A 164 8.54 -19.26 5.13
CA ILE A 164 7.76 -20.24 4.38
C ILE A 164 7.74 -19.93 2.89
N ALA A 165 8.16 -18.72 2.52
CA ALA A 165 8.22 -18.30 1.12
C ALA A 165 9.61 -18.65 0.56
N GLY A 166 10.44 -19.24 1.40
CA GLY A 166 11.77 -19.63 1.00
C GLY A 166 12.76 -18.47 0.99
N LEU A 167 12.47 -17.45 1.77
CA LEU A 167 13.33 -16.28 1.85
C LEU A 167 14.02 -16.23 3.20
N ASN A 168 15.33 -15.95 3.18
CA ASN A 168 16.12 -15.84 4.40
C ASN A 168 16.08 -14.36 4.82
N VAL A 169 15.12 -14.03 5.68
CA VAL A 169 14.95 -12.67 6.15
C VAL A 169 16.13 -12.25 7.04
N LEU A 170 17.00 -11.43 6.46
CA LEU A 170 18.19 -10.91 7.12
C LEU A 170 17.80 -9.96 8.26
N ARG A 171 16.73 -9.21 8.06
CA ARG A 171 16.27 -8.26 9.06
C ARG A 171 14.90 -7.70 8.71
N ILE A 172 14.17 -7.27 9.74
CA ILE A 172 12.84 -6.68 9.56
C ILE A 172 13.00 -5.25 10.06
N ILE A 173 12.96 -4.28 9.15
CA ILE A 173 13.10 -2.88 9.54
C ILE A 173 11.79 -2.14 9.31
N ASN A 174 11.63 -1.03 10.03
CA ASN A 174 10.43 -0.22 9.92
C ASN A 174 10.36 0.51 8.59
N GLU A 175 9.15 0.71 8.09
CA GLU A 175 8.93 1.40 6.82
C GLU A 175 9.43 2.85 6.79
N PRO A 176 9.21 3.64 7.87
CA PRO A 176 9.68 5.03 7.87
C PRO A 176 11.21 5.13 7.84
N THR A 177 11.88 4.17 8.48
CA THR A 177 13.33 4.14 8.50
C THR A 177 13.87 3.80 7.11
N ALA A 178 13.24 2.84 6.45
CA ALA A 178 13.66 2.44 5.10
C ALA A 178 13.54 3.63 4.16
N ALA A 179 12.47 4.40 4.31
CA ALA A 179 12.25 5.59 3.47
C ALA A 179 13.38 6.60 3.66
N ALA A 180 13.74 6.83 4.92
CA ALA A 180 14.81 7.77 5.26
C ALA A 180 16.11 7.31 4.58
N ILE A 181 16.41 6.02 4.71
CA ILE A 181 17.62 5.46 4.11
C ILE A 181 17.63 5.60 2.60
N ALA A 182 16.45 5.66 1.98
CA ALA A 182 16.34 5.77 0.53
C ALA A 182 16.91 7.11 0.04
N TYR A 183 16.71 8.13 0.85
CA TYR A 183 17.18 9.47 0.53
C TYR A 183 18.56 9.78 1.12
N GLY A 184 19.09 8.82 1.88
CA GLY A 184 20.40 8.99 2.49
C GLY A 184 20.40 9.89 3.70
N LEU A 185 19.27 10.01 4.38
CA LEU A 185 19.16 10.87 5.55
C LEU A 185 19.69 10.17 6.80
N ASP A 186 20.42 9.08 6.58
CA ASP A 186 21.01 8.30 7.67
C ASP A 186 22.51 8.58 7.84
N LYS A 187 23.10 9.29 6.87
CA LYS A 187 24.51 9.64 6.91
C LYS A 187 24.79 10.52 8.11
N LYS A 188 26.01 10.39 8.65
CA LYS A 188 26.42 11.16 9.81
C LYS A 188 26.91 12.56 9.44
N VAL A 189 26.20 13.58 9.92
CA VAL A 189 26.57 14.97 9.66
C VAL A 189 26.87 15.65 10.98
N GLY A 190 27.14 14.85 12.01
CA GLY A 190 27.46 15.35 13.32
C GLY A 190 26.42 16.31 13.88
N ALA A 191 25.18 15.84 13.98
CA ALA A 191 24.10 16.65 14.49
C ALA A 191 22.80 15.86 14.41
N GLU A 192 21.84 16.25 15.24
CA GLU A 192 20.53 15.61 15.29
C GLU A 192 19.68 16.14 14.14
N ARG A 193 18.95 15.26 13.49
CA ARG A 193 18.08 15.64 12.38
C ARG A 193 16.67 15.08 12.59
N ASN A 194 15.67 15.94 12.38
CA ASN A 194 14.28 15.53 12.53
C ASN A 194 13.73 15.31 11.13
N VAL A 195 13.07 14.17 10.92
CA VAL A 195 12.51 13.83 9.62
C VAL A 195 11.05 13.48 9.80
N LEU A 196 10.20 13.95 8.89
CA LEU A 196 8.79 13.61 8.97
C LEU A 196 8.44 12.74 7.75
N ILE A 197 7.91 11.55 8.03
CA ILE A 197 7.52 10.63 6.97
C ILE A 197 6.01 10.72 6.84
N PHE A 198 5.56 11.14 5.68
CA PHE A 198 4.13 11.28 5.38
C PHE A 198 3.87 10.11 4.44
N ASP A 199 3.17 9.10 4.92
CA ASP A 199 2.90 7.89 4.14
C ASP A 199 1.40 7.66 3.95
N LEU A 200 0.92 7.86 2.73
CA LEU A 200 -0.49 7.68 2.41
C LEU A 200 -0.56 6.70 1.23
N GLY A 201 -0.89 5.45 1.54
CA GLY A 201 -0.97 4.43 0.51
C GLY A 201 -2.37 4.09 0.04
N GLY A 202 -2.57 2.83 -0.34
CA GLY A 202 -3.87 2.39 -0.80
C GLY A 202 -4.91 2.31 0.30
N GLY A 203 -4.52 1.89 1.49
CA GLY A 203 -5.49 1.80 2.56
C GLY A 203 -5.09 2.36 3.92
N THR A 204 -3.82 2.73 4.09
CA THR A 204 -3.36 3.26 5.36
C THR A 204 -2.61 4.59 5.27
N PHE A 205 -2.69 5.36 6.35
CA PHE A 205 -2.04 6.65 6.46
C PHE A 205 -1.19 6.68 7.73
N ASP A 206 0.13 6.74 7.56
CA ASP A 206 1.06 6.79 8.69
C ASP A 206 1.93 8.04 8.64
N VAL A 207 2.06 8.69 9.79
CA VAL A 207 2.87 9.89 9.92
C VAL A 207 3.89 9.56 11.01
N SER A 208 5.17 9.57 10.66
CA SER A 208 6.21 9.25 11.62
C SER A 208 7.30 10.30 11.67
N ILE A 209 7.63 10.74 12.88
CA ILE A 209 8.69 11.73 13.07
C ILE A 209 9.92 11.03 13.63
N LEU A 210 10.95 10.95 12.82
CA LEU A 210 12.18 10.29 13.20
C LEU A 210 13.24 11.30 13.60
N THR A 211 14.11 10.90 14.51
CA THR A 211 15.21 11.74 14.95
C THR A 211 16.42 10.90 14.63
N ILE A 212 17.36 11.45 13.87
CA ILE A 212 18.56 10.71 13.50
C ILE A 212 19.82 11.42 13.96
N GLU A 213 20.64 10.70 14.72
CA GLU A 213 21.91 11.23 15.22
C GLU A 213 22.90 10.07 15.25
N ASP A 214 24.06 10.29 14.66
CA ASP A 214 25.13 9.29 14.59
C ASP A 214 24.77 8.04 13.79
N GLY A 215 23.70 8.12 13.02
CA GLY A 215 23.25 6.99 12.24
C GLY A 215 22.18 6.18 12.97
N ILE A 216 21.93 6.55 14.22
CA ILE A 216 20.93 5.89 15.05
C ILE A 216 19.58 6.59 14.87
N PHE A 217 18.56 5.80 14.52
CA PHE A 217 17.20 6.33 14.34
C PHE A 217 16.45 6.26 15.64
N GLU A 218 15.48 7.15 15.80
CA GLU A 218 14.66 7.19 17.00
C GLU A 218 13.30 7.73 16.59
N VAL A 219 12.30 6.86 16.56
CA VAL A 219 10.96 7.30 16.19
C VAL A 219 10.40 8.07 17.38
N LYS A 220 10.37 9.39 17.26
CA LYS A 220 9.86 10.25 18.32
C LYS A 220 8.35 10.20 18.44
N SER A 221 7.67 10.07 17.31
CA SER A 221 6.22 10.04 17.33
C SER A 221 5.66 9.40 16.07
N THR A 222 4.39 9.02 16.14
CA THR A 222 3.69 8.41 15.02
C THR A 222 2.23 8.78 15.16
N ALA A 223 1.53 8.87 14.04
CA ALA A 223 0.13 9.21 14.03
C ALA A 223 -0.39 8.81 12.66
N GLY A 224 -1.69 8.96 12.44
CA GLY A 224 -2.27 8.62 11.16
C GLY A 224 -3.65 8.02 11.30
N ASP A 225 -4.04 7.24 10.31
CA ASP A 225 -5.33 6.59 10.31
C ASP A 225 -5.20 5.29 9.54
N THR A 226 -5.57 4.19 10.19
CA THR A 226 -5.47 2.85 9.58
C THR A 226 -6.52 2.59 8.52
N HIS A 227 -7.49 3.49 8.38
CA HIS A 227 -8.55 3.33 7.39
C HIS A 227 -8.76 4.55 6.52
N LEU A 228 -7.67 5.07 5.97
CA LEU A 228 -7.69 6.22 5.08
C LEU A 228 -6.59 5.97 4.07
N GLY A 229 -6.93 5.93 2.80
CA GLY A 229 -5.94 5.69 1.76
C GLY A 229 -6.52 5.96 0.40
N GLY A 230 -5.77 5.61 -0.64
CA GLY A 230 -6.21 5.87 -2.01
C GLY A 230 -7.55 5.29 -2.40
N GLU A 231 -7.94 4.20 -1.73
CA GLU A 231 -9.22 3.55 -2.01
C GLU A 231 -10.42 4.39 -1.61
N ASP A 232 -10.27 5.21 -0.57
CA ASP A 232 -11.36 6.07 -0.11
C ASP A 232 -11.61 7.16 -1.15
N PHE A 233 -10.54 7.57 -1.85
CA PHE A 233 -10.67 8.59 -2.87
C PHE A 233 -11.45 7.98 -4.02
N ASP A 234 -11.17 6.70 -4.33
CA ASP A 234 -11.85 5.97 -5.40
C ASP A 234 -13.34 5.87 -5.11
N ASN A 235 -13.69 5.57 -3.87
CA ASN A 235 -15.08 5.44 -3.47
C ASN A 235 -15.89 6.69 -3.76
N ARG A 236 -15.31 7.85 -3.45
CA ARG A 236 -15.97 9.13 -3.70
C ARG A 236 -16.28 9.30 -5.18
N MET A 237 -15.35 8.89 -6.04
CA MET A 237 -15.57 8.97 -7.48
C MET A 237 -16.72 8.04 -7.86
N VAL A 238 -16.68 6.82 -7.34
CA VAL A 238 -17.70 5.81 -7.60
C VAL A 238 -19.10 6.32 -7.26
N ASN A 239 -19.30 6.79 -6.03
CA ASN A 239 -20.59 7.29 -5.61
C ASN A 239 -21.03 8.43 -6.52
N HIS A 240 -20.06 9.24 -6.94
CA HIS A 240 -20.31 10.36 -7.83
C HIS A 240 -20.84 9.87 -9.18
N PHE A 241 -20.17 8.87 -9.75
CA PHE A 241 -20.59 8.35 -11.04
C PHE A 241 -21.86 7.53 -10.97
N ILE A 242 -22.13 6.93 -9.81
CA ILE A 242 -23.34 6.15 -9.63
C ILE A 242 -24.52 7.13 -9.75
N ALA A 243 -24.38 8.29 -9.12
CA ALA A 243 -25.41 9.33 -9.17
C ALA A 243 -25.58 9.89 -10.57
N GLU A 244 -24.47 9.99 -11.31
CA GLU A 244 -24.51 10.50 -12.67
C GLU A 244 -25.22 9.54 -13.61
N PHE A 245 -24.89 8.26 -13.48
CA PHE A 245 -25.51 7.23 -14.32
C PHE A 245 -27.01 7.23 -14.08
N LYS A 246 -27.38 7.31 -12.81
CA LYS A 246 -28.78 7.34 -12.41
C LYS A 246 -29.52 8.52 -13.03
N ARG A 247 -28.81 9.63 -13.24
CA ARG A 247 -29.39 10.81 -13.84
C ARG A 247 -29.60 10.67 -15.34
N LYS A 248 -28.54 10.30 -16.05
CA LYS A 248 -28.61 10.15 -17.50
C LYS A 248 -29.42 8.95 -17.98
N HIS A 249 -29.42 7.87 -17.20
CA HIS A 249 -30.11 6.66 -17.63
C HIS A 249 -31.27 6.17 -16.78
N LYS A 250 -31.66 6.96 -15.78
CA LYS A 250 -32.78 6.61 -14.89
C LYS A 250 -32.61 5.24 -14.22
N LYS A 251 -31.40 4.71 -14.23
CA LYS A 251 -31.12 3.40 -13.64
C LYS A 251 -30.09 3.44 -12.54
N ASP A 252 -30.41 2.82 -11.42
CA ASP A 252 -29.49 2.74 -10.29
C ASP A 252 -28.70 1.45 -10.50
N ILE A 253 -27.42 1.46 -10.19
CA ILE A 253 -26.58 0.27 -10.38
C ILE A 253 -25.91 -0.19 -9.09
N SER A 254 -26.34 0.37 -7.97
CA SER A 254 -25.78 0.04 -6.68
C SER A 254 -25.83 -1.44 -6.34
N GLU A 255 -26.96 -2.08 -6.64
CA GLU A 255 -27.12 -3.51 -6.34
C GLU A 255 -26.20 -4.45 -7.11
N ASN A 256 -26.01 -4.19 -8.40
CA ASN A 256 -25.15 -5.03 -9.23
C ASN A 256 -23.69 -4.89 -8.80
N LYS A 257 -23.24 -5.84 -8.00
CA LYS A 257 -21.88 -5.83 -7.49
C LYS A 257 -20.80 -5.78 -8.57
N ARG A 258 -21.04 -6.40 -9.72
CA ARG A 258 -20.04 -6.39 -10.78
C ARG A 258 -19.91 -5.02 -11.44
N ALA A 259 -21.05 -4.37 -11.67
CA ALA A 259 -21.05 -3.06 -12.31
C ALA A 259 -20.23 -2.08 -11.48
N VAL A 260 -20.44 -2.12 -10.17
CA VAL A 260 -19.74 -1.25 -9.23
C VAL A 260 -18.25 -1.51 -9.21
N ARG A 261 -17.86 -2.77 -9.12
CA ARG A 261 -16.43 -3.10 -9.08
C ARG A 261 -15.75 -2.73 -10.40
N ARG A 262 -16.48 -2.79 -11.51
CA ARG A 262 -15.92 -2.44 -12.82
C ARG A 262 -15.72 -0.92 -12.89
N LEU A 263 -16.69 -0.19 -12.33
CA LEU A 263 -16.67 1.26 -12.29
C LEU A 263 -15.48 1.72 -11.44
N ARG A 264 -15.30 1.07 -10.30
CA ARG A 264 -14.22 1.37 -9.37
C ARG A 264 -12.85 1.23 -10.04
N THR A 265 -12.67 0.16 -10.79
CA THR A 265 -11.42 -0.09 -11.50
C THR A 265 -11.14 1.03 -12.51
N ALA A 266 -12.19 1.55 -13.12
CA ALA A 266 -12.06 2.63 -14.09
C ALA A 266 -11.69 3.93 -13.38
N CYS A 267 -12.31 4.14 -12.22
CA CYS A 267 -12.06 5.33 -11.40
C CYS A 267 -10.62 5.38 -10.92
N GLU A 268 -10.13 4.29 -10.33
CA GLU A 268 -8.77 4.20 -9.81
C GLU A 268 -7.78 4.58 -10.91
N ARG A 269 -8.10 4.21 -12.14
CA ARG A 269 -7.25 4.50 -13.28
C ARG A 269 -7.33 5.96 -13.70
N ALA A 270 -8.54 6.53 -13.67
CA ALA A 270 -8.75 7.92 -14.02
C ALA A 270 -8.03 8.78 -13.00
N LYS A 271 -8.07 8.33 -11.75
CA LYS A 271 -7.44 9.01 -10.62
C LYS A 271 -5.94 9.17 -10.87
N ARG A 272 -5.27 8.08 -11.24
CA ARG A 272 -3.84 8.10 -11.50
C ARG A 272 -3.51 9.06 -12.64
N THR A 273 -4.37 9.09 -13.65
CA THR A 273 -4.18 9.98 -14.81
C THR A 273 -4.29 11.45 -14.36
N LEU A 274 -5.23 11.70 -13.45
CA LEU A 274 -5.50 13.01 -12.89
C LEU A 274 -4.32 13.61 -12.14
N SER A 275 -3.35 12.78 -11.76
CA SER A 275 -2.17 13.28 -11.07
C SER A 275 -1.22 13.92 -12.06
N SER A 276 -1.42 13.65 -13.33
CA SER A 276 -0.57 14.19 -14.38
C SER A 276 -1.36 15.06 -15.37
N SER A 277 -2.66 14.83 -15.45
CA SER A 277 -3.50 15.60 -16.37
C SER A 277 -4.63 16.30 -15.62
N THR A 278 -5.33 17.18 -16.32
CA THR A 278 -6.41 17.93 -15.72
C THR A 278 -7.77 17.26 -15.81
N GLN A 279 -7.88 16.23 -16.64
CA GLN A 279 -9.13 15.49 -16.79
C GLN A 279 -8.87 14.13 -17.43
N ALA A 280 -9.77 13.18 -17.15
CA ALA A 280 -9.63 11.83 -17.68
C ALA A 280 -11.00 11.29 -18.08
N SER A 281 -11.02 10.49 -19.13
CA SER A 281 -12.28 9.91 -19.60
C SER A 281 -12.51 8.53 -19.00
N ILE A 282 -13.77 8.21 -18.78
CA ILE A 282 -14.19 6.92 -18.23
C ILE A 282 -14.95 6.25 -19.37
N GLU A 283 -14.31 5.28 -20.03
CA GLU A 283 -14.94 4.57 -21.14
C GLU A 283 -15.24 3.14 -20.69
N ILE A 284 -16.47 2.88 -20.28
CA ILE A 284 -16.88 1.55 -19.82
C ILE A 284 -17.98 0.95 -20.70
N ASP A 285 -17.62 -0.05 -21.51
CA ASP A 285 -18.59 -0.72 -22.38
C ASP A 285 -19.56 -1.61 -21.60
N SER A 286 -20.85 -1.40 -21.86
CA SER A 286 -21.93 -2.17 -21.26
C SER A 286 -21.79 -2.31 -19.74
N LEU A 287 -21.92 -1.19 -19.04
CA LEU A 287 -21.80 -1.19 -17.58
C LEU A 287 -22.98 -1.89 -16.91
N TYR A 288 -24.18 -1.46 -17.28
CA TYR A 288 -25.41 -2.02 -16.71
C TYR A 288 -26.30 -2.30 -17.90
N GLU A 289 -26.91 -3.48 -17.91
CA GLU A 289 -27.75 -3.90 -19.04
C GLU A 289 -26.80 -3.85 -20.24
N GLY A 290 -27.21 -3.18 -21.31
CA GLY A 290 -26.33 -3.06 -22.46
C GLY A 290 -25.92 -1.62 -22.62
N ILE A 291 -26.09 -0.85 -21.55
CA ILE A 291 -25.76 0.58 -21.54
C ILE A 291 -24.27 0.86 -21.34
N ASP A 292 -23.64 1.48 -22.33
CA ASP A 292 -22.24 1.85 -22.26
C ASP A 292 -22.16 3.13 -21.43
N PHE A 293 -21.17 3.20 -20.53
CA PHE A 293 -21.01 4.39 -19.71
C PHE A 293 -19.77 5.13 -20.16
N TYR A 294 -19.97 6.20 -20.92
CA TYR A 294 -18.89 7.02 -21.43
C TYR A 294 -19.03 8.41 -20.81
N THR A 295 -18.00 8.85 -20.09
CA THR A 295 -18.02 10.16 -19.45
C THR A 295 -16.59 10.58 -19.11
N SER A 296 -16.41 11.50 -18.17
CA SER A 296 -15.08 11.95 -17.76
C SER A 296 -15.13 12.84 -16.53
N ILE A 297 -13.99 13.03 -15.89
CA ILE A 297 -13.88 13.88 -14.71
C ILE A 297 -12.70 14.83 -14.89
N THR A 298 -12.75 15.95 -14.18
CA THR A 298 -11.67 16.92 -14.21
C THR A 298 -11.00 16.89 -12.84
N ARG A 299 -9.75 17.35 -12.78
CA ARG A 299 -8.99 17.38 -11.52
C ARG A 299 -9.73 18.26 -10.52
N ALA A 300 -10.33 19.34 -11.02
CA ALA A 300 -11.08 20.27 -10.18
C ALA A 300 -12.15 19.53 -9.42
N ARG A 301 -12.97 18.78 -10.16
CA ARG A 301 -14.06 18.00 -9.56
C ARG A 301 -13.52 16.92 -8.64
N PHE A 302 -12.51 16.20 -9.10
CA PHE A 302 -11.89 15.14 -8.30
C PHE A 302 -11.42 15.70 -6.96
N GLU A 303 -10.81 16.88 -7.00
CA GLU A 303 -10.31 17.51 -5.78
C GLU A 303 -11.43 17.85 -4.82
N GLU A 304 -12.50 18.46 -5.32
CA GLU A 304 -13.60 18.83 -4.44
C GLU A 304 -14.36 17.61 -3.91
N LEU A 305 -14.37 16.51 -4.68
CA LEU A 305 -15.03 15.27 -4.23
C LEU A 305 -14.35 14.77 -2.95
N ASN A 306 -13.04 14.98 -2.87
CA ASN A 306 -12.24 14.53 -1.73
C ASN A 306 -11.70 15.63 -0.80
N ALA A 307 -12.13 16.87 -1.03
CA ALA A 307 -11.68 18.02 -0.24
C ALA A 307 -11.53 17.80 1.27
N ASP A 308 -12.59 17.33 1.90
CA ASP A 308 -12.59 17.07 3.35
C ASP A 308 -11.55 16.03 3.75
N LEU A 309 -11.40 15.01 2.91
CA LEU A 309 -10.44 13.94 3.17
C LEU A 309 -9.02 14.45 3.04
N PHE A 310 -8.76 15.18 1.95
CA PHE A 310 -7.43 15.73 1.71
C PHE A 310 -7.03 16.66 2.86
N ARG A 311 -7.91 17.59 3.18
CA ARG A 311 -7.67 18.56 4.25
C ARG A 311 -7.42 17.89 5.61
N GLY A 312 -8.20 16.87 5.93
CA GLY A 312 -8.05 16.19 7.20
C GLY A 312 -6.70 15.51 7.37
N THR A 313 -5.98 15.33 6.27
CA THR A 313 -4.69 14.69 6.32
C THR A 313 -3.70 15.47 7.21
N LEU A 314 -3.97 16.77 7.44
CA LEU A 314 -3.10 17.63 8.26
C LEU A 314 -3.26 17.45 9.78
N ASP A 315 -4.45 17.07 10.22
CA ASP A 315 -4.72 16.84 11.65
C ASP A 315 -3.69 15.87 12.27
N PRO A 316 -3.54 14.67 11.70
CA PRO A 316 -2.56 13.73 12.27
C PRO A 316 -1.13 14.29 12.24
N VAL A 317 -0.86 15.20 11.31
CA VAL A 317 0.46 15.81 11.21
C VAL A 317 0.68 16.74 12.40
N GLU A 318 -0.34 17.55 12.70
CA GLU A 318 -0.30 18.46 13.84
C GLU A 318 -0.07 17.68 15.12
N LYS A 319 -0.81 16.58 15.30
CA LYS A 319 -0.68 15.76 16.48
C LYS A 319 0.69 15.10 16.64
N ALA A 320 1.25 14.61 15.53
CA ALA A 320 2.56 13.97 15.55
C ALA A 320 3.57 14.98 16.10
N LEU A 321 3.53 16.20 15.57
CA LEU A 321 4.41 17.29 16.01
C LEU A 321 4.23 17.50 17.51
N ARG A 322 2.98 17.73 17.90
CA ARG A 322 2.59 17.96 19.28
C ARG A 322 3.15 16.90 20.23
N ASP A 323 2.88 15.63 19.94
CA ASP A 323 3.37 14.55 20.78
C ASP A 323 4.91 14.51 20.79
N ALA A 324 5.52 14.77 19.64
CA ALA A 324 6.97 14.76 19.53
C ALA A 324 7.63 15.96 20.19
N LYS A 325 6.82 16.92 20.64
CA LYS A 325 7.31 18.14 21.30
C LYS A 325 8.15 18.98 20.34
N LEU A 326 7.67 19.12 19.10
CA LEU A 326 8.39 19.90 18.08
C LEU A 326 7.48 20.91 17.42
N ASP A 327 8.10 21.87 16.73
CA ASP A 327 7.42 22.93 16.01
C ASP A 327 7.74 22.74 14.52
N LYS A 328 6.90 23.27 13.64
CA LYS A 328 7.09 23.15 12.19
C LYS A 328 8.52 23.42 11.74
N SER A 329 9.09 24.51 12.24
CA SER A 329 10.44 24.93 11.87
C SER A 329 11.54 23.97 12.28
N GLN A 330 11.24 23.11 13.24
CA GLN A 330 12.23 22.17 13.74
C GLN A 330 12.43 20.92 12.90
N ILE A 331 11.46 20.57 12.05
CA ILE A 331 11.64 19.38 11.24
C ILE A 331 12.53 19.71 10.04
N HIS A 332 13.63 18.99 9.91
CA HIS A 332 14.60 19.21 8.86
C HIS A 332 14.21 18.72 7.47
N ASP A 333 13.72 17.49 7.37
CA ASP A 333 13.33 16.91 6.09
C ASP A 333 11.94 16.27 6.10
N ILE A 334 11.23 16.39 4.98
CA ILE A 334 9.90 15.81 4.84
C ILE A 334 9.96 14.91 3.61
N VAL A 335 9.73 13.60 3.79
CA VAL A 335 9.76 12.70 2.65
C VAL A 335 8.38 12.08 2.41
N LEU A 336 7.93 12.12 1.17
CA LEU A 336 6.63 11.58 0.79
C LEU A 336 6.74 10.09 0.47
N VAL A 337 5.85 9.30 1.06
CA VAL A 337 5.80 7.86 0.86
C VAL A 337 4.35 7.48 0.54
N GLY A 338 4.16 6.41 -0.23
CA GLY A 338 2.80 6.00 -0.56
C GLY A 338 2.34 6.54 -1.90
N GLY A 339 1.63 5.70 -2.65
CA GLY A 339 1.15 6.07 -3.97
C GLY A 339 0.23 7.26 -3.99
N SER A 340 -0.50 7.48 -2.92
CA SER A 340 -1.42 8.61 -2.87
C SER A 340 -0.77 9.99 -2.83
N THR A 341 0.50 10.05 -2.43
CA THR A 341 1.21 11.34 -2.33
C THR A 341 1.58 11.93 -3.69
N ARG A 342 1.29 11.20 -4.77
CA ARG A 342 1.54 11.68 -6.12
C ARG A 342 0.44 12.68 -6.48
N ILE A 343 -0.59 12.74 -5.65
CA ILE A 343 -1.69 13.67 -5.90
C ILE A 343 -1.22 15.09 -5.61
N PRO A 344 -1.29 15.97 -6.63
CA PRO A 344 -0.89 17.37 -6.55
C PRO A 344 -1.44 18.13 -5.35
N LYS A 345 -2.76 18.07 -5.14
CA LYS A 345 -3.40 18.77 -4.03
C LYS A 345 -2.87 18.37 -2.67
N ILE A 346 -2.44 17.12 -2.52
CA ILE A 346 -1.90 16.64 -1.24
C ILE A 346 -0.54 17.29 -1.04
N GLN A 347 0.23 17.39 -2.12
CA GLN A 347 1.56 18.00 -2.06
C GLN A 347 1.44 19.50 -1.70
N LYS A 348 0.54 20.19 -2.38
CA LYS A 348 0.31 21.61 -2.13
C LYS A 348 -0.05 21.82 -0.68
N LEU A 349 -1.07 21.11 -0.24
CA LEU A 349 -1.59 21.18 1.12
C LEU A 349 -0.50 20.99 2.19
N LEU A 350 0.38 20.02 2.00
CA LEU A 350 1.44 19.73 2.96
C LEU A 350 2.46 20.84 2.95
N GLN A 351 2.85 21.27 1.75
CA GLN A 351 3.84 22.33 1.58
C GLN A 351 3.36 23.62 2.23
N ASP A 352 2.09 23.96 2.01
CA ASP A 352 1.49 25.14 2.60
C ASP A 352 1.58 25.03 4.14
N PHE A 353 1.25 23.85 4.67
CA PHE A 353 1.32 23.64 6.11
C PHE A 353 2.73 23.89 6.65
N PHE A 354 3.75 23.44 5.92
CA PHE A 354 5.13 23.63 6.33
C PHE A 354 5.75 24.88 5.70
N ASN A 355 4.89 25.87 5.47
CA ASN A 355 5.26 27.17 4.91
C ASN A 355 6.26 27.18 3.76
N GLY A 356 5.93 26.45 2.71
CA GLY A 356 6.75 26.40 1.52
C GLY A 356 7.95 25.50 1.51
N LYS A 357 8.16 24.73 2.57
CA LYS A 357 9.33 23.86 2.61
C LYS A 357 9.35 22.90 1.41
N GLU A 358 10.54 22.54 0.95
CA GLU A 358 10.68 21.62 -0.18
C GLU A 358 10.37 20.20 0.28
N LEU A 359 9.61 19.48 -0.52
CA LEU A 359 9.25 18.10 -0.21
C LEU A 359 10.22 17.13 -0.91
N ASN A 360 10.58 16.05 -0.22
CA ASN A 360 11.44 15.03 -0.80
C ASN A 360 10.52 14.10 -1.58
N LYS A 361 10.71 14.04 -2.89
CA LYS A 361 9.84 13.20 -3.72
C LYS A 361 10.39 12.88 -5.10
N SER A 362 11.72 12.81 -5.22
CA SER A 362 12.34 12.48 -6.50
C SER A 362 12.22 10.98 -6.78
N ILE A 363 12.09 10.20 -5.72
CA ILE A 363 11.93 8.75 -5.81
C ILE A 363 10.42 8.46 -5.72
N ASN A 364 9.89 7.69 -6.67
CA ASN A 364 8.47 7.33 -6.69
C ASN A 364 8.11 6.94 -5.26
N PRO A 365 7.14 7.65 -4.63
CA PRO A 365 6.71 7.40 -3.24
C PRO A 365 6.32 5.95 -2.93
N ASP A 366 5.73 5.27 -3.90
CA ASP A 366 5.32 3.88 -3.72
C ASP A 366 6.45 2.88 -3.91
N GLU A 367 7.65 3.39 -4.19
CA GLU A 367 8.83 2.56 -4.37
C GLU A 367 9.91 2.96 -3.37
N ALA A 368 9.65 4.00 -2.58
CA ALA A 368 10.62 4.49 -1.59
C ALA A 368 11.06 3.46 -0.55
N VAL A 369 10.08 2.81 0.08
CA VAL A 369 10.34 1.79 1.11
C VAL A 369 11.19 0.62 0.56
N ALA A 370 10.79 0.08 -0.58
CA ALA A 370 11.52 -1.02 -1.20
C ALA A 370 12.96 -0.60 -1.48
N TYR A 371 13.10 0.58 -2.07
CA TYR A 371 14.38 1.22 -2.42
C TYR A 371 15.29 1.24 -1.18
N GLY A 372 14.77 1.78 -0.08
CA GLY A 372 15.54 1.84 1.14
C GLY A 372 15.93 0.47 1.67
N ALA A 373 15.01 -0.50 1.59
CA ALA A 373 15.26 -1.86 2.08
C ALA A 373 16.34 -2.54 1.25
N ALA A 374 16.35 -2.31 -0.06
CA ALA A 374 17.34 -2.90 -0.95
C ALA A 374 18.74 -2.42 -0.57
N VAL A 375 18.86 -1.14 -0.23
CA VAL A 375 20.15 -0.57 0.17
C VAL A 375 20.59 -1.25 1.46
N GLN A 376 19.68 -1.30 2.43
CA GLN A 376 19.96 -1.93 3.72
C GLN A 376 20.35 -3.41 3.55
N ALA A 377 19.66 -4.11 2.66
CA ALA A 377 19.95 -5.52 2.40
C ALA A 377 21.39 -5.65 1.90
N ALA A 378 21.76 -4.76 0.99
CA ALA A 378 23.10 -4.75 0.42
C ALA A 378 24.18 -4.57 1.48
N ILE A 379 23.95 -3.67 2.43
CA ILE A 379 24.96 -3.45 3.47
C ILE A 379 25.07 -4.64 4.41
N LEU A 380 23.96 -5.34 4.62
CA LEU A 380 23.90 -6.50 5.52
C LEU A 380 24.41 -7.78 4.87
N SER A 381 24.91 -7.69 3.65
CA SER A 381 25.44 -8.85 2.97
C SER A 381 26.93 -8.66 2.60
PG ATP B . -1.12 0.78 2.16
O1G ATP B . -1.64 2.01 2.76
O2G ATP B . -0.13 0.05 2.96
O3G ATP B . -2.20 0.01 1.46
PB ATP B . 0.61 0.30 -0.02
O1B ATP B . 1.86 0.33 0.74
O2B ATP B . 0.03 -0.97 -0.41
O3B ATP B . -0.34 1.14 0.88
PA ATP B . 1.14 2.04 -2.36
O1A ATP B . 2.03 3.00 -1.66
O2A ATP B . 1.61 1.27 -3.52
O3A ATP B . 0.42 1.22 -1.27
O5' ATP B . -0.13 2.87 -2.78
C5' ATP B . -1.17 2.37 -3.61
C4' ATP B . -2.21 3.47 -3.81
O4' ATP B . -1.51 4.46 -4.57
C3' ATP B . -3.51 3.12 -4.60
O3' ATP B . -4.56 3.77 -3.81
C2' ATP B . -3.23 3.71 -6.01
O2' ATP B . -4.41 4.27 -6.67
C1' ATP B . -2.37 4.89 -5.58
N9 ATP B . -1.61 5.51 -6.69
C8 ATP B . -0.63 5.04 -7.53
N7 ATP B . -0.26 5.91 -8.45
C5 ATP B . -1.08 7.03 -8.19
C6 ATP B . -1.21 8.29 -8.79
N6 ATP B . -0.53 8.60 -9.88
N1 ATP B . -2.08 9.18 -8.29
C2 ATP B . -2.82 8.83 -7.25
N3 ATP B . -2.81 7.66 -6.59
C4 ATP B . -1.90 6.79 -7.12
#